data_3KTY
#
_entry.id   3KTY
#
_cell.length_a   42.480
_cell.length_b   69.514
_cell.length_c   174.802
_cell.angle_alpha   90.00
_cell.angle_beta   95.16
_cell.angle_gamma   90.00
#
_symmetry.space_group_name_H-M   'C 1 2 1'
#
loop_
_entity.id
_entity.type
_entity.pdbx_description
1 polymer 'Probable methyltransferase'
2 non-polymer GLYCEROL
3 non-polymer 'SULFATE ION'
4 water water
#
_entity_poly.entity_id   1
_entity_poly.type   'polypeptide(L)'
_entity_poly.pdbx_seq_one_letter_code
;SNA(MSE)TQAFSRVRFI(MSE)TQPSHPGNVGSAARAIKT(MSE)GFGELVLVAPRFPD(MSE)TAQPEAVALASGALD
VLERAAVHDTLEEALAPVTLAFALTTRVRDLGPPPCDIREAAGLARRHLDDTEAGVVAIVLGTERAGLTNAQIELCHRIC
HIPANPQYSSLNVAQALQLAAWELRYALL
;
_entity_poly.pdbx_strand_id   A,B,C
#
# COMPACT_ATOMS: atom_id res chain seq x y z
N SER A 1 -13.53 15.91 -38.50
CA SER A 1 -12.13 16.13 -38.14
C SER A 1 -11.86 15.94 -36.65
N ASN A 2 -12.49 16.74 -35.81
CA ASN A 2 -12.45 16.53 -34.36
C ASN A 2 -12.90 15.10 -33.97
N ALA A 3 -14.05 14.69 -34.50
CA ALA A 3 -14.51 13.32 -34.34
C ALA A 3 -13.48 12.33 -34.87
N THR A 5 -10.09 12.95 -35.24
CA THR A 5 -8.94 13.05 -34.35
C THR A 5 -9.20 12.19 -33.11
N GLN A 6 -10.46 12.15 -32.68
CA GLN A 6 -10.79 11.35 -31.50
C GLN A 6 -10.65 9.87 -31.79
N ALA A 7 -11.08 9.45 -32.98
CA ALA A 7 -10.89 8.04 -33.35
C ALA A 7 -9.41 7.68 -33.31
N PHE A 8 -8.58 8.53 -33.91
CA PHE A 8 -7.16 8.29 -33.92
C PHE A 8 -6.54 8.31 -32.52
N SER A 9 -7.16 9.02 -31.58
CA SER A 9 -6.61 9.09 -30.22
C SER A 9 -6.78 7.77 -29.48
N ARG A 10 -7.53 6.86 -30.08
CA ARG A 10 -7.89 5.58 -29.47
C ARG A 10 -7.02 4.43 -29.91
N VAL A 11 -5.95 4.80 -30.64
CA VAL A 11 -4.93 3.84 -31.02
C VAL A 11 -3.63 4.13 -30.30
N ARG A 12 -2.98 3.08 -29.81
CA ARG A 12 -1.70 3.23 -29.10
C ARG A 12 -0.63 2.34 -29.63
N PHE A 13 0.60 2.86 -29.67
CA PHE A 13 1.76 2.06 -30.11
C PHE A 13 2.73 1.85 -28.97
N ILE A 14 2.95 0.57 -28.68
CA ILE A 14 3.74 0.16 -27.55
C ILE A 14 5.06 -0.49 -27.95
N THR A 16 8.33 -2.34 -26.65
CA THR A 16 8.94 -3.01 -25.50
C THR A 16 10.48 -3.09 -25.51
N GLN A 17 11.07 -2.76 -24.37
CA GLN A 17 12.51 -2.81 -24.21
C GLN A 17 13.29 -1.93 -25.20
N PRO A 18 12.72 -0.77 -25.60
CA PRO A 18 13.50 0.05 -26.53
C PRO A 18 14.89 0.22 -26.00
N SER A 19 15.87 -0.01 -26.84
CA SER A 19 17.26 -0.03 -26.45
C SER A 19 17.96 1.23 -26.95
N HIS A 20 17.54 1.72 -28.13
CA HIS A 20 18.16 2.86 -28.81
C HIS A 20 17.28 4.12 -28.77
N PRO A 21 17.72 5.20 -28.11
CA PRO A 21 16.93 6.43 -27.96
C PRO A 21 16.54 7.10 -29.28
N GLY A 22 17.40 7.03 -30.29
CA GLY A 22 17.04 7.55 -31.59
C GLY A 22 15.83 6.88 -32.21
N ASN A 23 15.75 5.55 -32.07
CA ASN A 23 14.56 4.80 -32.48
C ASN A 23 13.28 5.32 -31.82
N VAL A 24 13.39 5.79 -30.58
CA VAL A 24 12.22 6.27 -29.85
C VAL A 24 11.74 7.57 -30.42
N GLY A 25 12.69 8.46 -30.76
CA GLY A 25 12.37 9.67 -31.50
C GLY A 25 11.79 9.41 -32.89
N SER A 26 12.40 8.48 -33.63
CA SER A 26 11.91 8.15 -34.97
C SER A 26 10.52 7.59 -34.90
N ALA A 27 10.31 6.77 -33.86
CA ALA A 27 9.03 6.20 -33.53
C ALA A 27 7.97 7.29 -33.39
N ALA A 28 8.30 8.36 -32.68
CA ALA A 28 7.31 9.39 -32.42
C ALA A 28 6.92 10.13 -33.70
N ARG A 29 7.94 10.37 -34.53
CA ARG A 29 7.78 11.11 -35.78
C ARG A 29 7.01 10.23 -36.74
N ALA A 30 7.49 9.00 -36.90
CA ALA A 30 6.70 8.02 -37.67
C ALA A 30 5.19 8.08 -37.34
N ILE A 31 4.80 7.90 -36.07
CA ILE A 31 3.34 7.86 -35.84
C ILE A 31 2.65 9.19 -36.02
N LYS A 32 3.34 10.27 -35.70
CA LYS A 32 2.70 11.53 -35.92
C LYS A 32 2.39 11.74 -37.40
N THR A 33 3.30 11.35 -38.29
CA THR A 33 3.07 11.56 -39.71
C THR A 33 1.82 10.83 -40.21
N GLY A 35 -0.80 10.58 -38.26
CA GLY A 35 -1.91 11.12 -37.51
C GLY A 35 -2.08 10.59 -36.10
N PHE A 36 -1.14 9.78 -35.60
CA PHE A 36 -1.27 9.27 -34.23
C PHE A 36 -0.42 10.01 -33.20
N GLY A 37 -0.93 10.15 -31.98
CA GLY A 37 -0.17 10.88 -30.99
C GLY A 37 0.25 10.10 -29.76
N GLU A 38 -0.10 8.81 -29.71
CA GLU A 38 0.01 8.00 -28.49
C GLU A 38 1.11 6.94 -28.54
N LEU A 39 2.23 7.26 -27.90
CA LEU A 39 3.35 6.35 -27.86
C LEU A 39 3.65 5.92 -26.42
N VAL A 40 3.84 4.62 -26.23
CA VAL A 40 4.06 4.03 -24.96
C VAL A 40 5.32 3.18 -24.98
N LEU A 41 6.16 3.35 -23.98
CA LEU A 41 7.36 2.54 -23.83
C LEU A 41 7.24 1.61 -22.62
N VAL A 42 7.58 0.33 -22.79
CA VAL A 42 7.64 -0.60 -21.69
C VAL A 42 9.10 -1.03 -21.41
N ALA A 43 9.54 -0.85 -20.18
CA ALA A 43 10.85 -1.32 -19.72
C ALA A 43 11.99 -0.83 -20.59
N PRO A 44 12.11 0.48 -20.75
CA PRO A 44 13.19 0.94 -21.63
C PRO A 44 14.52 0.71 -20.95
N ARG A 45 15.60 0.66 -21.72
CA ARG A 45 16.91 0.44 -21.15
C ARG A 45 17.26 1.49 -20.09
N PHE A 46 16.90 2.74 -20.38
CA PHE A 46 17.23 3.87 -19.51
C PHE A 46 16.03 4.64 -19.01
N PRO A 47 16.11 5.11 -17.77
CA PRO A 47 15.07 6.05 -17.36
C PRO A 47 15.27 7.39 -18.09
N ASP A 48 14.16 8.01 -18.47
CA ASP A 48 14.19 9.30 -19.18
C ASP A 48 14.73 9.13 -20.59
N THR A 50 12.96 9.17 -23.23
CA THR A 50 12.34 10.13 -24.13
C THR A 50 12.92 11.54 -23.95
N ALA A 51 13.74 11.70 -22.92
CA ALA A 51 14.44 12.96 -22.75
C ALA A 51 15.87 12.93 -23.35
N GLN A 52 16.37 11.74 -23.67
CA GLN A 52 17.69 11.60 -24.31
C GLN A 52 17.83 12.46 -25.56
N PRO A 53 18.97 13.15 -25.72
CA PRO A 53 19.22 14.10 -26.83
C PRO A 53 19.00 13.50 -28.22
N GLU A 54 19.41 12.25 -28.45
CA GLU A 54 19.15 11.63 -29.76
C GLU A 54 17.68 11.30 -30.03
N ALA A 55 16.89 11.05 -29.00
CA ALA A 55 15.47 10.84 -29.22
C ALA A 55 14.86 12.16 -29.66
N VAL A 56 15.16 13.22 -28.92
CA VAL A 56 14.69 14.55 -29.27
C VAL A 56 15.07 14.91 -30.71
N ALA A 57 16.36 14.84 -31.03
CA ALA A 57 16.87 15.16 -32.37
C ALA A 57 16.21 14.39 -33.54
N LEU A 58 15.97 13.10 -33.36
CA LEU A 58 15.23 12.32 -34.36
C LEU A 58 13.71 12.50 -34.31
N ALA A 59 13.23 13.27 -33.36
CA ALA A 59 11.78 13.47 -33.26
C ALA A 59 11.30 14.75 -33.92
N SER A 60 12.23 15.63 -34.29
CA SER A 60 11.91 17.00 -34.73
C SER A 60 10.57 17.12 -35.47
N GLY A 61 9.67 17.94 -34.94
CA GLY A 61 8.30 18.03 -35.42
C GLY A 61 7.31 17.31 -34.50
N ALA A 62 7.72 16.16 -33.99
CA ALA A 62 6.87 15.33 -33.14
C ALA A 62 7.35 15.33 -31.68
N LEU A 63 7.94 16.44 -31.26
CA LEU A 63 8.48 16.53 -29.91
C LEU A 63 7.40 16.40 -28.84
N ASP A 64 6.20 16.91 -29.15
CA ASP A 64 5.03 16.76 -28.33
C ASP A 64 4.61 15.29 -28.11
N VAL A 65 4.65 14.47 -29.15
CA VAL A 65 4.25 13.08 -29.02
C VAL A 65 5.25 12.42 -28.08
N LEU A 66 6.49 12.86 -28.23
CA LEU A 66 7.64 12.34 -27.54
C LEU A 66 7.61 12.69 -26.05
N GLU A 67 7.26 13.93 -25.75
CA GLU A 67 7.11 14.38 -24.38
C GLU A 67 6.03 13.59 -23.68
N ARG A 68 4.84 13.57 -24.27
CA ARG A 68 3.68 12.91 -23.68
C ARG A 68 3.75 11.40 -23.58
N ALA A 69 4.77 10.78 -24.17
CA ALA A 69 4.88 9.31 -24.15
C ALA A 69 4.90 8.75 -22.73
N ALA A 70 4.12 7.73 -22.49
CA ALA A 70 4.03 7.12 -21.18
C ALA A 70 5.09 6.02 -21.08
N VAL A 71 5.75 5.90 -19.92
CA VAL A 71 6.71 4.82 -19.69
C VAL A 71 6.23 3.95 -18.53
N HIS A 72 6.11 2.64 -18.75
CA HIS A 72 5.81 1.67 -17.72
C HIS A 72 6.90 0.66 -17.64
N ASP A 73 6.99 -0.06 -16.52
CA ASP A 73 7.95 -1.13 -16.38
C ASP A 73 7.41 -2.44 -16.95
N THR A 74 6.10 -2.53 -17.09
CA THR A 74 5.53 -3.80 -17.49
C THR A 74 4.50 -3.65 -18.63
N LEU A 75 4.29 -4.73 -19.38
CA LEU A 75 3.39 -4.68 -20.51
C LEU A 75 1.96 -4.75 -19.95
N GLU A 76 1.81 -5.49 -18.88
CA GLU A 76 0.54 -5.50 -18.14
C GLU A 76 0.01 -4.09 -17.89
N GLU A 77 0.80 -3.22 -17.28
CA GLU A 77 0.43 -1.83 -17.08
C GLU A 77 -0.01 -1.15 -18.41
N ALA A 78 0.80 -1.32 -19.45
CA ALA A 78 0.53 -0.70 -20.76
C ALA A 78 -0.77 -1.23 -21.42
N LEU A 79 -1.06 -2.49 -21.19
CA LEU A 79 -2.30 -3.10 -21.67
C LEU A 79 -3.56 -2.88 -20.83
N ALA A 80 -3.41 -2.41 -19.60
CA ALA A 80 -4.61 -2.30 -18.76
C ALA A 80 -5.77 -1.58 -19.49
N PRO A 81 -5.52 -0.43 -20.14
CA PRO A 81 -6.74 0.13 -20.73
C PRO A 81 -7.02 -0.38 -22.16
N VAL A 82 -6.30 -1.37 -22.63
CA VAL A 82 -6.46 -1.71 -24.00
C VAL A 82 -7.48 -2.81 -24.18
N THR A 83 -8.42 -2.62 -25.11
CA THR A 83 -9.43 -3.64 -25.40
C THR A 83 -9.10 -4.59 -26.56
N LEU A 84 -8.20 -4.17 -27.45
CA LEU A 84 -7.77 -5.00 -28.58
C LEU A 84 -6.30 -4.72 -28.88
N ALA A 85 -5.44 -5.70 -28.63
CA ALA A 85 -4.03 -5.48 -28.72
C ALA A 85 -3.42 -6.43 -29.68
N PHE A 86 -2.69 -5.90 -30.66
CA PHE A 86 -1.94 -6.76 -31.58
C PHE A 86 -0.48 -6.89 -31.23
N ALA A 87 -0.02 -8.12 -31.12
CA ALA A 87 1.41 -8.37 -31.06
C ALA A 87 2.00 -8.33 -32.48
N LEU A 88 2.82 -7.33 -32.78
CA LEU A 88 3.48 -7.24 -34.08
C LEU A 88 4.81 -8.01 -34.17
N THR A 89 4.92 -8.90 -35.13
CA THR A 89 6.13 -9.70 -35.27
C THR A 89 6.72 -9.77 -36.69
N THR A 90 7.92 -10.35 -36.76
CA THR A 90 8.48 -10.80 -38.04
C THR A 90 9.26 -12.11 -37.81
N ARG A 91 8.54 -13.23 -37.93
CA ARG A 91 9.09 -14.55 -37.66
C ARG A 91 9.08 -15.46 -38.89
N PRO A 97 1.41 -21.97 -39.44
CA PRO A 97 0.35 -21.37 -40.24
C PRO A 97 0.36 -19.84 -40.07
N PRO A 98 0.32 -19.09 -41.19
CA PRO A 98 0.42 -17.62 -41.14
C PRO A 98 -0.59 -16.94 -40.21
N PRO A 99 -0.09 -16.12 -39.27
CA PRO A 99 -1.01 -15.33 -38.44
C PRO A 99 -1.67 -14.29 -39.33
N CYS A 100 -2.60 -13.50 -38.79
CA CYS A 100 -3.23 -12.49 -39.62
C CYS A 100 -2.18 -11.41 -39.95
N ASP A 101 -2.29 -10.82 -41.13
CA ASP A 101 -1.32 -9.82 -41.53
C ASP A 101 -1.79 -8.45 -41.11
N ILE A 102 -0.86 -7.50 -41.17
CA ILE A 102 -1.11 -6.14 -40.69
C ILE A 102 -2.31 -5.51 -41.39
N ARG A 103 -2.62 -5.96 -42.60
CA ARG A 103 -3.75 -5.40 -43.33
C ARG A 103 -5.10 -5.91 -42.78
N GLU A 104 -5.18 -7.21 -42.51
N GLU A 104 -5.21 -7.20 -42.49
CA GLU A 104 -6.29 -7.80 -41.75
CA GLU A 104 -6.38 -7.66 -41.75
C GLU A 104 -6.40 -7.16 -40.34
C GLU A 104 -6.41 -6.99 -40.36
N ALA A 105 -5.28 -6.95 -39.70
CA ALA A 105 -5.28 -6.47 -38.35
C ALA A 105 -5.84 -5.04 -38.33
N ALA A 106 -5.41 -4.23 -39.28
CA ALA A 106 -5.97 -2.88 -39.43
C ALA A 106 -7.49 -2.86 -39.64
N GLY A 107 -8.01 -3.73 -40.51
CA GLY A 107 -9.45 -3.85 -40.68
C GLY A 107 -10.22 -4.21 -39.39
N LEU A 108 -9.70 -5.20 -38.65
CA LEU A 108 -10.20 -5.55 -37.31
C LEU A 108 -10.16 -4.36 -36.37
N ALA A 109 -9.07 -3.60 -36.36
CA ALA A 109 -9.02 -2.42 -35.52
C ALA A 109 -10.16 -1.45 -35.80
N ARG A 110 -10.46 -1.22 -37.07
CA ARG A 110 -11.48 -0.27 -37.49
C ARG A 110 -12.84 -0.69 -36.98
N ARG A 111 -13.11 -1.99 -37.12
CA ARG A 111 -14.34 -2.61 -36.70
C ARG A 111 -14.50 -2.44 -35.18
N HIS A 112 -13.44 -2.77 -34.45
CA HIS A 112 -13.44 -2.64 -33.01
C HIS A 112 -13.70 -1.19 -32.59
N LEU A 113 -13.02 -0.23 -33.18
CA LEU A 113 -13.25 1.15 -32.78
C LEU A 113 -14.64 1.66 -33.14
N ASP A 114 -15.22 1.07 -34.17
CA ASP A 114 -16.54 1.46 -34.59
C ASP A 114 -17.59 0.76 -33.77
N ASP A 115 -17.31 -0.47 -33.33
CA ASP A 115 -18.30 -1.27 -32.61
C ASP A 115 -18.34 -1.05 -31.09
N THR A 116 -17.33 -0.40 -30.52
CA THR A 116 -17.29 -0.12 -29.08
C THR A 116 -17.24 1.39 -28.84
N GLU A 117 -17.88 1.83 -27.76
CA GLU A 117 -17.86 3.22 -27.39
C GLU A 117 -16.45 3.69 -27.09
N ALA A 118 -15.78 2.95 -26.21
CA ALA A 118 -14.48 3.37 -25.74
C ALA A 118 -13.42 2.26 -25.83
N GLY A 119 -13.52 1.44 -26.87
CA GLY A 119 -12.48 0.47 -27.18
C GLY A 119 -11.15 1.17 -27.44
N VAL A 120 -10.07 0.46 -27.17
CA VAL A 120 -8.76 1.02 -27.36
C VAL A 120 -7.95 -0.03 -28.04
N VAL A 121 -7.22 0.39 -29.06
CA VAL A 121 -6.46 -0.56 -29.84
C VAL A 121 -5.00 -0.30 -29.62
N ALA A 122 -4.24 -1.37 -29.45
CA ALA A 122 -2.82 -1.20 -29.36
C ALA A 122 -2.11 -2.11 -30.30
N ILE A 123 -1.03 -1.55 -30.86
CA ILE A 123 -0.02 -2.29 -31.57
C ILE A 123 1.20 -2.42 -30.69
N VAL A 124 1.65 -3.65 -30.51
CA VAL A 124 2.79 -3.95 -29.63
C VAL A 124 4.03 -4.47 -30.35
N LEU A 125 5.12 -3.73 -30.26
CA LEU A 125 6.40 -4.12 -30.89
C LEU A 125 7.54 -4.42 -29.94
N GLY A 126 8.28 -5.47 -30.26
CA GLY A 126 9.57 -5.73 -29.62
C GLY A 126 10.69 -4.99 -30.32
N THR A 127 11.93 -5.33 -30.05
CA THR A 127 13.02 -4.82 -30.87
C THR A 127 13.84 -5.99 -31.39
N GLU A 128 14.70 -5.73 -32.38
CA GLU A 128 15.44 -6.79 -33.10
C GLU A 128 15.97 -7.86 -32.16
N ARG A 129 16.62 -7.40 -31.10
CA ARG A 129 17.08 -8.25 -30.00
C ARG A 129 15.90 -8.77 -29.15
N GLY A 131 12.95 -9.67 -30.11
CA GLY A 131 11.53 -9.75 -30.32
C GLY A 131 10.74 -9.66 -29.03
N LEU A 132 9.51 -10.17 -29.06
CA LEU A 132 8.64 -10.14 -27.92
C LEU A 132 8.71 -11.48 -27.23
N THR A 133 8.72 -11.50 -25.91
CA THR A 133 8.85 -12.78 -25.22
C THR A 133 7.55 -13.53 -25.43
N ASN A 134 7.59 -14.84 -25.23
CA ASN A 134 6.38 -15.63 -25.44
C ASN A 134 5.29 -15.14 -24.51
N ALA A 135 5.69 -14.79 -23.31
CA ALA A 135 4.79 -14.29 -22.28
C ALA A 135 4.22 -12.92 -22.62
N GLN A 136 4.99 -12.08 -23.30
CA GLN A 136 4.49 -10.79 -23.72
C GLN A 136 3.44 -10.98 -24.82
N ILE A 137 3.78 -11.83 -25.78
CA ILE A 137 2.84 -12.21 -26.81
C ILE A 137 1.55 -12.80 -26.25
N GLU A 138 1.65 -13.68 -25.28
CA GLU A 138 0.44 -14.27 -24.69
C GLU A 138 -0.52 -13.24 -24.08
N LEU A 139 0.03 -12.07 -23.71
CA LEU A 139 -0.78 -11.00 -23.15
C LEU A 139 -1.63 -10.25 -24.19
N CYS A 140 -1.35 -10.45 -25.46
CA CYS A 140 -2.09 -9.72 -26.52
C CYS A 140 -3.28 -10.52 -27.05
N HIS A 141 -4.22 -9.84 -27.68
CA HIS A 141 -5.38 -10.56 -28.20
C HIS A 141 -5.03 -11.33 -29.45
N ARG A 142 -4.21 -10.72 -30.30
CA ARG A 142 -3.83 -11.33 -31.57
C ARG A 142 -2.38 -11.13 -31.89
N ILE A 143 -1.89 -12.02 -32.74
CA ILE A 143 -0.59 -11.87 -33.37
C ILE A 143 -0.84 -11.37 -34.77
N CYS A 144 -0.05 -10.41 -35.21
CA CYS A 144 -0.07 -10.11 -36.62
C CYS A 144 1.37 -9.96 -37.12
N HIS A 145 1.56 -10.00 -38.43
CA HIS A 145 2.91 -9.92 -38.97
C HIS A 145 2.97 -9.05 -40.21
N ILE A 146 4.17 -8.57 -40.50
CA ILE A 146 4.39 -7.80 -41.71
C ILE A 146 5.16 -8.75 -42.59
N PRO A 147 4.51 -9.23 -43.67
CA PRO A 147 5.10 -10.21 -44.60
C PRO A 147 6.08 -9.51 -45.55
N ALA A 148 7.27 -9.16 -45.07
CA ALA A 148 8.27 -8.47 -45.88
C ALA A 148 9.21 -9.48 -46.48
N ASN A 149 10.07 -9.03 -47.38
CA ASN A 149 11.03 -9.91 -48.03
C ASN A 149 11.67 -10.89 -47.06
N PRO A 150 11.71 -12.16 -47.44
CA PRO A 150 12.30 -13.20 -46.60
C PRO A 150 13.77 -12.96 -46.34
N GLN A 151 14.53 -12.66 -47.40
CA GLN A 151 15.96 -12.40 -47.28
C GLN A 151 16.22 -11.08 -46.56
N TYR A 152 15.17 -10.29 -46.40
CA TYR A 152 15.28 -8.99 -45.74
C TYR A 152 14.01 -8.67 -44.95
N SER A 153 13.63 -9.57 -44.05
CA SER A 153 12.44 -9.38 -43.24
C SER A 153 12.74 -8.56 -42.00
N SER A 154 14.00 -8.56 -41.58
CA SER A 154 14.42 -7.81 -40.41
C SER A 154 14.61 -6.33 -40.74
N LEU A 155 13.59 -5.53 -40.43
CA LEU A 155 13.63 -4.09 -40.69
C LEU A 155 13.48 -3.30 -39.40
N ASN A 156 14.11 -2.12 -39.35
CA ASN A 156 14.04 -1.27 -38.18
C ASN A 156 12.65 -1.25 -37.56
N VAL A 157 12.61 -1.19 -36.24
CA VAL A 157 11.36 -1.17 -35.51
C VAL A 157 10.60 0.09 -35.88
N ALA A 158 11.30 1.17 -36.18
CA ALA A 158 10.56 2.38 -36.52
C ALA A 158 9.91 2.22 -37.92
N GLN A 159 10.51 1.37 -38.76
CA GLN A 159 9.97 1.10 -40.08
C GLN A 159 8.76 0.17 -39.97
N ALA A 160 8.91 -0.90 -39.19
CA ALA A 160 7.75 -1.69 -38.80
C ALA A 160 6.64 -0.76 -38.32
N LEU A 161 6.97 0.18 -37.45
CA LEU A 161 5.96 1.10 -36.91
C LEU A 161 5.31 1.97 -37.99
N GLN A 162 6.11 2.50 -38.90
CA GLN A 162 5.53 3.32 -39.93
C GLN A 162 4.51 2.50 -40.79
N LEU A 163 4.92 1.29 -41.19
CA LEU A 163 4.01 0.44 -41.94
C LEU A 163 2.71 0.24 -41.13
N ALA A 164 2.82 -0.17 -39.88
CA ALA A 164 1.61 -0.40 -39.07
C ALA A 164 0.72 0.82 -38.96
N ALA A 165 1.35 1.95 -38.72
CA ALA A 165 0.63 3.17 -38.58
C ALA A 165 0.02 3.61 -39.92
N TRP A 166 0.70 3.32 -41.03
CA TRP A 166 0.13 3.61 -42.34
C TRP A 166 -1.14 2.75 -42.55
N GLU A 167 -1.03 1.44 -42.35
CA GLU A 167 -2.21 0.54 -42.44
C GLU A 167 -3.39 0.96 -41.59
N LEU A 168 -3.08 1.34 -40.35
CA LEU A 168 -4.09 1.79 -39.44
C LEU A 168 -4.70 3.09 -39.89
N ARG A 169 -3.87 4.01 -40.30
CA ARG A 169 -4.43 5.25 -40.82
C ARG A 169 -5.39 4.98 -41.99
N TYR A 170 -4.93 4.17 -42.92
CA TYR A 170 -5.74 3.95 -44.10
C TYR A 170 -7.06 3.32 -43.69
N ALA A 171 -6.98 2.39 -42.76
CA ALA A 171 -8.19 1.67 -42.39
C ALA A 171 -9.16 2.58 -41.57
N LEU A 172 -8.64 3.63 -40.97
CA LEU A 172 -9.46 4.51 -40.16
C LEU A 172 -10.05 5.70 -40.91
N LEU A 173 -9.39 6.10 -42.00
CA LEU A 173 -9.85 7.27 -42.73
C LEU A 173 -11.28 7.13 -43.30
N SER B 1 19.16 11.94 4.80
CA SER B 1 20.29 11.66 3.91
C SER B 1 21.00 10.37 4.29
N ASN B 2 21.07 9.90 5.67
CA ASN B 2 21.86 8.76 6.15
C ASN B 2 21.36 7.40 5.73
N ALA B 3 22.07 6.36 6.17
CA ALA B 3 21.88 5.02 5.63
C ALA B 3 20.63 4.36 6.20
N THR B 5 17.86 6.07 7.06
CA THR B 5 16.83 6.70 6.27
C THR B 5 16.65 5.96 4.97
N GLN B 6 17.75 5.49 4.38
N GLN B 6 17.76 5.51 4.38
CA GLN B 6 17.63 4.75 3.11
CA GLN B 6 17.72 4.73 3.13
C GLN B 6 17.02 3.34 3.31
C GLN B 6 17.01 3.38 3.34
N ALA B 7 17.35 2.68 4.42
CA ALA B 7 16.68 1.42 4.78
C ALA B 7 15.18 1.61 4.71
N PHE B 8 14.66 2.56 5.48
CA PHE B 8 13.23 2.84 5.49
C PHE B 8 12.72 3.20 4.07
N SER B 9 13.59 3.84 3.29
CA SER B 9 13.30 4.11 1.87
C SER B 9 12.99 2.93 0.97
N ARG B 10 13.53 1.74 1.28
CA ARG B 10 13.36 0.54 0.44
C ARG B 10 12.22 -0.36 0.88
N VAL B 11 11.27 0.21 1.61
CA VAL B 11 10.03 -0.52 1.93
C VAL B 11 8.85 0.24 1.40
N ARG B 12 7.95 -0.46 0.72
CA ARG B 12 6.70 0.22 0.36
C ARG B 12 5.46 -0.60 0.69
N PHE B 13 4.35 0.11 0.69
CA PHE B 13 3.07 -0.40 1.14
C PHE B 13 2.10 -0.19 0.02
N ILE B 14 1.56 -1.30 -0.47
CA ILE B 14 0.71 -1.27 -1.60
C ILE B 14 -0.76 -1.60 -1.27
N THR B 16 -4.33 -2.30 -2.63
CA THR B 16 -5.02 -2.65 -3.88
C THR B 16 -6.52 -2.35 -3.82
N GLN B 17 -7.06 -1.84 -4.93
CA GLN B 17 -8.46 -1.47 -5.07
C GLN B 17 -8.97 -0.55 -3.99
N PRO B 18 -8.15 0.40 -3.54
CA PRO B 18 -8.73 1.22 -2.47
C PRO B 18 -9.94 1.98 -3.05
N SER B 19 -10.93 2.31 -2.22
CA SER B 19 -12.13 3.03 -2.68
C SER B 19 -12.58 4.18 -1.77
N HIS B 20 -11.91 4.34 -0.63
CA HIS B 20 -12.25 5.41 0.33
C HIS B 20 -11.14 6.40 0.50
N PRO B 21 -11.29 7.61 -0.02
CA PRO B 21 -10.17 8.53 0.11
C PRO B 21 -9.74 8.64 1.57
N GLY B 22 -10.69 8.51 2.49
CA GLY B 22 -10.36 8.51 3.91
C GLY B 22 -9.32 7.48 4.30
N ASN B 23 -9.57 6.23 3.95
CA ASN B 23 -8.61 5.16 4.11
C ASN B 23 -7.20 5.49 3.57
N VAL B 24 -7.14 6.08 2.40
CA VAL B 24 -5.86 6.47 1.81
C VAL B 24 -5.10 7.51 2.63
N GLY B 25 -5.84 8.52 3.09
CA GLY B 25 -5.31 9.52 4.00
C GLY B 25 -4.72 8.89 5.22
N SER B 26 -5.50 8.02 5.86
CA SER B 26 -5.08 7.41 7.11
C SER B 26 -3.86 6.55 6.90
N ALA B 27 -3.90 5.80 5.81
CA ALA B 27 -2.80 4.91 5.45
C ALA B 27 -1.53 5.73 5.32
N ALA B 28 -1.65 6.92 4.76
CA ALA B 28 -0.47 7.78 4.53
C ALA B 28 0.15 8.21 5.86
N ARG B 29 -0.72 8.59 6.81
CA ARG B 29 -0.32 9.09 8.14
C ARG B 29 0.28 7.96 8.96
N ALA B 30 -0.39 6.82 8.94
CA ALA B 30 0.09 5.59 9.56
C ALA B 30 1.50 5.20 9.22
N ILE B 31 1.81 5.03 7.94
CA ILE B 31 3.16 4.58 7.61
C ILE B 31 4.19 5.66 7.94
N LYS B 32 3.75 6.91 7.85
CA LYS B 32 4.69 8.00 8.14
C LYS B 32 5.02 8.07 9.65
N THR B 33 4.04 7.79 10.51
CA THR B 33 4.33 7.80 11.96
C THR B 33 5.34 6.72 12.29
N GLY B 35 7.71 6.01 10.18
CA GLY B 35 8.90 6.37 9.43
C GLY B 35 8.98 6.03 7.92
N PHE B 36 7.91 5.51 7.32
CA PHE B 36 7.99 5.14 5.91
C PHE B 36 7.32 6.20 5.07
N GLY B 37 7.75 6.32 3.82
CA GLY B 37 7.23 7.38 2.99
C GLY B 37 6.66 6.94 1.66
N GLU B 38 6.74 5.65 1.35
CA GLU B 38 6.27 5.13 0.04
C GLU B 38 4.94 4.37 0.11
N LEU B 39 3.88 5.07 -0.28
CA LEU B 39 2.58 4.48 -0.41
C LEU B 39 2.30 4.27 -1.89
N VAL B 40 1.76 3.12 -2.26
CA VAL B 40 1.35 2.86 -3.62
C VAL B 40 -0.10 2.34 -3.71
N LEU B 41 -0.90 2.96 -4.59
CA LEU B 41 -2.26 2.50 -4.91
C LEU B 41 -2.30 1.73 -6.22
N VAL B 42 -2.98 0.59 -6.23
CA VAL B 42 -3.20 -0.22 -7.43
C VAL B 42 -4.70 -0.24 -7.72
N ALA B 43 -5.08 0.19 -8.93
CA ALA B 43 -6.44 -0.01 -9.42
C ALA B 43 -7.41 0.65 -8.48
N PRO B 44 -7.13 1.90 -8.10
CA PRO B 44 -8.06 2.54 -7.17
C PRO B 44 -9.39 2.80 -7.89
N ARG B 45 -10.47 2.85 -7.13
CA ARG B 45 -11.77 3.12 -7.70
C ARG B 45 -11.78 4.39 -8.53
N PHE B 46 -11.16 5.46 -8.04
CA PHE B 46 -11.14 6.73 -8.79
C PHE B 46 -9.71 7.24 -9.01
N PRO B 47 -9.51 8.06 -10.06
CA PRO B 47 -8.18 8.47 -10.49
C PRO B 47 -7.37 9.36 -9.51
N ASP B 48 -8.01 10.34 -8.86
CA ASP B 48 -7.23 11.28 -8.06
C ASP B 48 -7.62 11.21 -6.60
N THR B 50 -5.86 10.61 -4.13
CA THR B 50 -4.92 11.17 -3.15
C THR B 50 -5.10 12.67 -2.87
N ALA B 51 -6.02 13.31 -3.60
CA ALA B 51 -6.20 14.75 -3.52
C ALA B 51 -7.60 15.15 -3.11
N GLN B 52 -8.38 14.17 -2.66
CA GLN B 52 -9.71 14.44 -2.13
C GLN B 52 -9.58 15.08 -0.77
N PRO B 53 -10.52 15.95 -0.42
CA PRO B 53 -10.53 16.52 0.93
C PRO B 53 -10.43 15.44 2.01
N GLU B 54 -11.23 14.38 1.89
CA GLU B 54 -11.32 13.37 2.95
C GLU B 54 -10.00 12.65 3.22
N ALA B 55 -9.16 12.56 2.18
CA ALA B 55 -7.85 11.94 2.29
C ALA B 55 -6.84 12.91 2.89
N VAL B 56 -6.74 14.07 2.26
CA VAL B 56 -5.81 15.11 2.72
C VAL B 56 -6.14 15.55 4.13
N ALA B 57 -7.38 15.34 4.54
CA ALA B 57 -7.83 15.73 5.87
C ALA B 57 -7.46 14.67 6.91
N LEU B 58 -7.38 13.42 6.47
CA LEU B 58 -7.04 12.31 7.34
C LEU B 58 -5.53 12.04 7.33
N ALA B 59 -4.80 12.86 6.59
CA ALA B 59 -3.35 12.70 6.49
C ALA B 59 -2.63 13.65 7.44
N SER B 60 -2.99 13.59 8.72
CA SER B 60 -2.37 14.44 9.73
C SER B 60 -0.85 14.42 9.63
N GLY B 61 -0.28 15.57 9.26
CA GLY B 61 1.16 15.69 9.12
C GLY B 61 1.73 14.70 8.13
N ALA B 62 0.88 14.24 7.21
CA ALA B 62 1.30 13.30 6.18
C ALA B 62 0.88 13.76 4.80
N LEU B 63 1.04 15.05 4.54
CA LEU B 63 0.68 15.63 3.25
C LEU B 63 1.70 15.25 2.17
N ASP B 64 2.97 15.19 2.55
CA ASP B 64 4.03 14.83 1.63
C ASP B 64 3.88 13.40 1.15
N VAL B 65 3.76 12.46 2.07
CA VAL B 65 3.58 11.06 1.71
C VAL B 65 2.38 10.83 0.80
N LEU B 66 1.30 11.52 1.10
CA LEU B 66 0.08 11.45 0.34
C LEU B 66 0.24 11.92 -1.10
N GLU B 67 0.96 13.02 -1.29
CA GLU B 67 1.16 13.61 -2.63
C GLU B 67 2.14 12.84 -3.52
N ARG B 68 3.11 12.15 -2.92
CA ARG B 68 4.08 11.37 -3.66
C ARG B 68 3.60 9.94 -3.90
N ALA B 69 2.38 9.63 -3.47
CA ALA B 69 1.90 8.25 -3.64
C ALA B 69 1.82 7.93 -5.15
N ALA B 70 2.39 6.82 -5.58
CA ALA B 70 2.21 6.42 -6.97
C ALA B 70 0.93 5.59 -7.13
N VAL B 71 0.29 5.79 -8.26
CA VAL B 71 -0.88 5.06 -8.64
C VAL B 71 -0.61 4.28 -9.91
N HIS B 72 -0.92 2.99 -9.89
CA HIS B 72 -0.82 2.10 -11.02
C HIS B 72 -2.14 1.38 -11.21
N ASP B 73 -2.35 0.97 -12.44
CA ASP B 73 -3.49 0.15 -12.80
C ASP B 73 -3.35 -1.31 -12.40
N THR B 74 -2.13 -1.80 -12.24
CA THR B 74 -1.95 -3.21 -12.06
C THR B 74 -0.95 -3.48 -10.96
N LEU B 75 -1.11 -4.62 -10.33
CA LEU B 75 -0.26 -4.98 -9.22
C LEU B 75 1.09 -5.39 -9.80
N GLU B 76 1.07 -5.87 -11.04
CA GLU B 76 2.32 -6.28 -11.68
C GLU B 76 3.27 -5.09 -11.76
N GLU B 77 2.73 -3.95 -12.19
CA GLU B 77 3.51 -2.73 -12.24
C GLU B 77 4.09 -2.44 -10.88
N ALA B 78 3.26 -2.58 -9.84
CA ALA B 78 3.63 -2.16 -8.52
C ALA B 78 4.72 -3.04 -7.97
N LEU B 79 4.64 -4.32 -8.29
CA LEU B 79 5.61 -5.28 -7.81
C LEU B 79 6.87 -5.36 -8.66
N ALA B 80 6.93 -4.61 -9.77
CA ALA B 80 8.08 -4.72 -10.68
C ALA B 80 9.43 -4.54 -9.97
N PRO B 81 9.57 -3.46 -9.17
CA PRO B 81 10.87 -3.21 -8.54
C PRO B 81 10.98 -3.96 -7.25
N VAL B 82 10.02 -4.80 -6.93
CA VAL B 82 10.01 -5.43 -5.62
C VAL B 82 10.64 -6.81 -5.62
N THR B 83 11.59 -7.00 -4.69
CA THR B 83 12.31 -8.26 -4.56
C THR B 83 11.75 -9.13 -3.45
N LEU B 84 11.04 -8.52 -2.51
CA LEU B 84 10.36 -9.27 -1.47
C LEU B 84 8.96 -8.72 -1.10
N ALA B 85 7.93 -9.49 -1.43
CA ALA B 85 6.57 -9.00 -1.32
C ALA B 85 5.72 -9.92 -0.46
N PHE B 86 5.07 -9.33 0.53
CA PHE B 86 4.11 -10.08 1.34
C PHE B 86 2.69 -9.66 1.03
N ALA B 87 1.86 -10.65 0.74
CA ALA B 87 0.42 -10.46 0.73
C ALA B 87 -0.06 -10.50 2.20
N LEU B 88 -0.59 -9.39 2.68
N LEU B 88 -0.57 -9.37 2.66
CA LEU B 88 -1.04 -9.31 4.05
CA LEU B 88 -1.12 -9.25 4.01
C LEU B 88 -2.52 -9.60 4.11
C LEU B 88 -2.57 -9.66 4.00
N THR B 89 -2.89 -10.75 4.69
CA THR B 89 -4.28 -11.16 4.73
C THR B 89 -4.96 -10.82 6.07
N THR B 90 -6.15 -10.23 5.98
CA THR B 90 -6.86 -9.76 7.16
C THR B 90 -7.78 -10.86 7.71
N ARG B 91 -8.55 -11.43 6.79
CA ARG B 91 -9.66 -12.30 7.14
C ARG B 91 -9.22 -13.74 7.26
N VAL B 92 -9.68 -14.37 8.34
CA VAL B 92 -9.38 -15.76 8.59
C VAL B 92 -9.78 -16.57 7.37
N ARG B 93 -8.95 -17.55 7.05
CA ARG B 93 -9.29 -18.51 6.02
C ARG B 93 -9.24 -19.88 6.67
N ASP B 94 -9.84 -20.86 6.01
CA ASP B 94 -9.92 -22.22 6.54
C ASP B 94 -8.56 -22.89 6.50
N LEU B 95 -8.39 -23.96 7.28
CA LEU B 95 -7.14 -24.69 7.22
C LEU B 95 -5.94 -23.75 7.22
N GLY B 96 -6.03 -22.69 8.02
CA GLY B 96 -4.97 -21.71 8.10
C GLY B 96 -3.99 -22.07 9.20
N PRO B 97 -3.12 -21.14 9.57
CA PRO B 97 -3.07 -19.83 8.94
C PRO B 97 -1.92 -19.76 7.94
N PRO B 98 -1.69 -18.59 7.36
CA PRO B 98 -0.66 -18.44 6.32
C PRO B 98 0.73 -18.80 6.80
N PRO B 99 1.56 -19.28 5.89
CA PRO B 99 2.91 -19.68 6.25
C PRO B 99 3.48 -18.82 7.39
N CYS B 100 3.49 -17.49 7.24
CA CYS B 100 4.09 -16.69 8.30
C CYS B 100 3.25 -15.50 8.82
N ASP B 101 3.57 -15.05 10.04
CA ASP B 101 2.89 -13.90 10.61
C ASP B 101 3.70 -12.60 10.48
N ILE B 102 3.06 -11.50 10.82
CA ILE B 102 3.64 -10.21 10.58
C ILE B 102 5.00 -10.03 11.28
N ARG B 103 5.20 -10.79 12.35
CA ARG B 103 6.44 -10.69 13.13
C ARG B 103 7.59 -11.40 12.40
N GLU B 104 7.33 -12.61 11.89
CA GLU B 104 8.28 -13.35 11.10
C GLU B 104 8.59 -12.57 9.81
N ALA B 105 7.55 -12.01 9.23
CA ALA B 105 7.65 -11.28 8.01
C ALA B 105 8.61 -10.12 8.18
N ALA B 106 8.42 -9.34 9.25
CA ALA B 106 9.27 -8.20 9.60
C ALA B 106 10.75 -8.61 9.68
N GLY B 107 11.03 -9.80 10.24
CA GLY B 107 12.38 -10.31 10.35
C GLY B 107 12.98 -10.69 8.99
N LEU B 108 12.16 -11.32 8.14
CA LEU B 108 12.54 -11.55 6.75
C LEU B 108 12.87 -10.27 6.05
N ALA B 109 12.07 -9.26 6.32
CA ALA B 109 12.29 -7.97 5.70
C ALA B 109 13.66 -7.35 6.03
N ARG B 110 14.04 -7.44 7.30
CA ARG B 110 15.27 -6.87 7.82
C ARG B 110 16.48 -7.61 7.22
N ARG B 111 16.41 -8.94 7.15
CA ARG B 111 17.48 -9.71 6.57
C ARG B 111 17.65 -9.35 5.12
N HIS B 112 16.54 -9.34 4.40
CA HIS B 112 16.59 -9.07 2.99
C HIS B 112 17.25 -7.74 2.74
N LEU B 113 16.84 -6.72 3.47
CA LEU B 113 17.41 -5.39 3.27
C LEU B 113 18.88 -5.25 3.70
N ASP B 114 19.26 -6.01 4.72
CA ASP B 114 20.64 -6.04 5.16
C ASP B 114 21.46 -6.68 4.03
N ASP B 115 20.97 -7.79 3.47
CA ASP B 115 21.75 -8.61 2.53
C ASP B 115 21.90 -8.05 1.13
N THR B 116 20.80 -7.67 0.51
CA THR B 116 20.82 -7.20 -0.85
C THR B 116 21.05 -5.71 -0.84
N GLU B 117 21.98 -5.25 -1.65
CA GLU B 117 22.35 -3.85 -1.66
C GLU B 117 21.15 -3.01 -2.09
N ALA B 118 20.35 -3.59 -2.98
CA ALA B 118 19.26 -2.85 -3.56
C ALA B 118 17.86 -3.49 -3.38
N GLY B 119 17.75 -4.49 -2.52
CA GLY B 119 16.47 -5.11 -2.20
C GLY B 119 15.32 -4.13 -1.94
N VAL B 120 14.11 -4.54 -2.28
CA VAL B 120 12.91 -3.75 -1.97
C VAL B 120 11.83 -4.64 -1.38
N VAL B 121 11.33 -4.27 -0.21
CA VAL B 121 10.26 -5.02 0.45
C VAL B 121 8.91 -4.35 0.18
N ALA B 122 7.91 -5.18 -0.14
CA ALA B 122 6.57 -4.64 -0.17
C ALA B 122 5.60 -5.39 0.74
N ILE B 123 4.69 -4.62 1.28
CA ILE B 123 3.60 -5.19 2.00
C ILE B 123 2.40 -4.86 1.16
N VAL B 124 1.64 -5.90 0.78
CA VAL B 124 0.53 -5.70 -0.09
C VAL B 124 -0.79 -6.00 0.62
N LEU B 125 -1.69 -5.03 0.60
CA LEU B 125 -2.99 -5.18 1.25
C LEU B 125 -4.12 -4.85 0.28
N GLY B 126 -5.18 -5.65 0.35
CA GLY B 126 -6.34 -5.46 -0.52
C GLY B 126 -7.32 -4.46 0.05
N THR B 127 -8.60 -4.81 0.00
CA THR B 127 -9.66 -3.95 0.52
C THR B 127 -10.47 -4.65 1.60
N GLU B 128 -11.22 -3.87 2.37
CA GLU B 128 -12.04 -4.41 3.44
C GLU B 128 -13.16 -5.29 2.90
N ARG B 129 -13.41 -5.19 1.60
CA ARG B 129 -14.45 -5.98 0.95
C ARG B 129 -14.30 -7.47 1.29
N ALA B 130 -13.23 -8.08 0.78
CA ALA B 130 -12.98 -9.49 1.02
C ALA B 130 -11.48 -9.77 1.14
N GLY B 131 -10.68 -8.87 0.58
CA GLY B 131 -9.23 -9.02 0.61
C GLY B 131 -8.61 -9.05 -0.77
N LEU B 132 -7.49 -9.75 -0.91
CA LEU B 132 -6.79 -9.85 -2.19
C LEU B 132 -7.32 -11.05 -2.95
N THR B 133 -7.14 -11.06 -4.26
CA THR B 133 -7.59 -12.21 -5.03
C THR B 133 -6.50 -13.26 -5.08
N ASN B 134 -6.88 -14.54 -5.17
CA ASN B 134 -5.89 -15.62 -5.34
C ASN B 134 -4.83 -15.22 -6.35
N ALA B 135 -5.28 -14.59 -7.42
CA ALA B 135 -4.44 -14.12 -8.50
C ALA B 135 -3.46 -13.06 -8.01
N GLN B 136 -3.93 -12.17 -7.15
CA GLN B 136 -3.07 -11.18 -6.56
C GLN B 136 -2.09 -11.80 -5.56
N ILE B 137 -2.63 -12.61 -4.66
CA ILE B 137 -1.83 -13.35 -3.70
C ILE B 137 -0.70 -14.15 -4.35
N GLU B 138 -0.87 -14.53 -5.61
CA GLU B 138 0.15 -15.36 -6.28
C GLU B 138 1.26 -14.58 -6.93
N LEU B 139 0.98 -13.33 -7.29
CA LEU B 139 2.07 -12.42 -7.67
C LEU B 139 3.04 -12.21 -6.48
N CYS B 140 2.61 -12.54 -5.27
CA CYS B 140 3.45 -12.29 -4.09
C CYS B 140 4.35 -13.46 -3.67
N HIS B 141 5.52 -13.12 -3.15
CA HIS B 141 6.52 -14.12 -2.76
C HIS B 141 6.10 -14.84 -1.47
N ARG B 142 5.43 -14.14 -0.58
CA ARG B 142 4.95 -14.75 0.66
C ARG B 142 3.60 -14.24 1.12
N ILE B 143 2.81 -15.16 1.65
CA ILE B 143 1.57 -14.78 2.27
C ILE B 143 1.85 -14.57 3.76
N CYS B 144 1.30 -13.53 4.34
CA CYS B 144 1.52 -13.42 5.77
C CYS B 144 0.30 -12.80 6.42
N HIS B 145 0.08 -13.08 7.70
CA HIS B 145 -1.16 -12.61 8.32
C HIS B 145 -0.96 -12.02 9.70
N ILE B 146 -1.92 -11.22 10.12
CA ILE B 146 -1.92 -10.71 11.48
C ILE B 146 -2.87 -11.60 12.29
N PRO B 147 -2.35 -12.33 13.27
CA PRO B 147 -3.27 -13.20 14.05
C PRO B 147 -4.16 -12.37 14.97
N ALA B 148 -5.30 -11.95 14.45
CA ALA B 148 -6.28 -11.17 15.18
C ALA B 148 -7.19 -12.07 16.02
N ASN B 149 -8.04 -11.43 16.82
CA ASN B 149 -9.09 -12.14 17.55
C ASN B 149 -10.02 -12.86 16.59
N PRO B 150 -10.02 -14.20 16.59
CA PRO B 150 -10.81 -14.89 15.57
C PRO B 150 -12.30 -14.61 15.67
N GLN B 151 -12.77 -14.13 16.82
CA GLN B 151 -14.18 -13.79 16.94
C GLN B 151 -14.44 -12.37 16.44
N TYR B 152 -13.38 -11.66 16.07
CA TYR B 152 -13.45 -10.29 15.57
C TYR B 152 -12.30 -10.04 14.63
N SER B 153 -12.27 -10.77 13.51
CA SER B 153 -11.06 -10.89 12.71
C SER B 153 -10.76 -9.73 11.76
N SER B 154 -11.76 -8.91 11.48
CA SER B 154 -11.64 -7.92 10.43
C SER B 154 -11.02 -6.62 10.90
N LEU B 155 -9.84 -6.33 10.37
CA LEU B 155 -9.16 -5.12 10.74
C LEU B 155 -9.43 -4.09 9.66
N ASN B 156 -9.70 -2.85 10.04
CA ASN B 156 -9.68 -1.80 9.03
C ASN B 156 -8.25 -1.79 8.47
N VAL B 157 -8.12 -1.53 7.18
CA VAL B 157 -6.81 -1.57 6.56
C VAL B 157 -5.89 -0.56 7.21
N ALA B 158 -6.45 0.57 7.63
CA ALA B 158 -5.67 1.54 8.38
C ALA B 158 -4.95 0.87 9.58
N GLN B 159 -5.71 0.08 10.35
CA GLN B 159 -5.16 -0.61 11.51
C GLN B 159 -4.17 -1.70 11.15
N ALA B 160 -4.51 -2.48 10.14
CA ALA B 160 -3.61 -3.46 9.54
C ALA B 160 -2.26 -2.84 9.08
N LEU B 161 -2.34 -1.70 8.41
CA LEU B 161 -1.13 -1.01 7.95
C LEU B 161 -0.30 -0.52 9.12
N GLN B 162 -1.00 0.14 10.05
N GLN B 162 -0.91 0.18 10.07
CA GLN B 162 -0.47 0.61 11.33
CA GLN B 162 -0.11 0.69 11.19
C GLN B 162 0.37 -0.48 11.99
C GLN B 162 0.59 -0.47 11.87
N LEU B 163 -0.22 -1.67 12.14
N LEU B 163 -0.15 -1.55 12.07
CA LEU B 163 0.47 -2.77 12.80
CA LEU B 163 0.41 -2.72 12.74
C LEU B 163 1.64 -3.31 11.96
C LEU B 163 1.61 -3.24 11.96
N ALA B 164 1.42 -3.46 10.66
CA ALA B 164 2.49 -3.91 9.76
C ALA B 164 3.67 -2.94 9.78
N ALA B 165 3.37 -1.64 9.76
CA ALA B 165 4.44 -0.63 9.67
C ALA B 165 5.18 -0.57 10.97
N TRP B 166 4.44 -0.77 12.05
CA TRP B 166 5.06 -0.82 13.36
C TRP B 166 6.02 -2.01 13.47
N GLU B 167 5.56 -3.18 13.08
CA GLU B 167 6.45 -4.34 13.13
C GLU B 167 7.68 -4.15 12.22
N LEU B 168 7.50 -3.51 11.06
CA LEU B 168 8.63 -3.25 10.20
C LEU B 168 9.57 -2.25 10.83
N ARG B 169 9.04 -1.11 11.29
CA ARG B 169 9.88 -0.13 11.98
C ARG B 169 10.73 -0.75 13.09
N TYR B 170 10.14 -1.59 13.93
CA TYR B 170 10.88 -2.15 15.05
C TYR B 170 11.91 -3.16 14.55
N ALA B 171 11.58 -3.94 13.54
CA ALA B 171 12.56 -4.90 13.05
C ALA B 171 13.73 -4.17 12.35
N LEU B 172 13.47 -2.94 11.91
CA LEU B 172 14.47 -2.16 11.16
C LEU B 172 15.31 -1.21 11.99
N LEU B 173 14.95 -0.94 13.24
CA LEU B 173 15.72 -0.01 14.02
C LEU B 173 16.99 -0.68 14.52
N THR C 5 -6.23 -18.45 28.74
CA THR C 5 -7.43 -17.66 28.42
C THR C 5 -7.83 -16.73 29.56
N GLN C 6 -7.40 -17.08 30.77
CA GLN C 6 -7.53 -16.21 31.92
C GLN C 6 -6.82 -14.90 31.65
N ALA C 7 -5.67 -14.98 30.99
CA ALA C 7 -4.78 -13.84 30.84
C ALA C 7 -5.36 -12.68 30.03
N PHE C 8 -6.03 -12.96 28.93
CA PHE C 8 -6.62 -11.86 28.17
C PHE C 8 -7.66 -11.09 28.98
N SER C 9 -8.16 -11.70 30.03
CA SER C 9 -9.11 -10.99 30.90
C SER C 9 -8.41 -10.24 32.04
N ARG C 10 -7.15 -10.53 32.28
CA ARG C 10 -6.37 -9.90 33.33
C ARG C 10 -5.54 -8.69 32.87
N VAL C 11 -5.99 -8.03 31.81
CA VAL C 11 -5.28 -6.90 31.23
C VAL C 11 -6.27 -5.78 31.01
N ARG C 12 -5.90 -4.58 31.46
CA ARG C 12 -6.77 -3.41 31.35
C ARG C 12 -6.08 -2.28 30.65
N PHE C 13 -6.83 -1.54 29.85
CA PHE C 13 -6.33 -0.36 29.16
C PHE C 13 -7.03 0.83 29.76
N ILE C 14 -6.23 1.76 30.27
CA ILE C 14 -6.75 2.88 31.00
C ILE C 14 -6.44 4.16 30.27
N THR C 16 -6.71 8.24 30.49
CA THR C 16 -6.91 9.30 31.47
C THR C 16 -7.37 10.60 30.83
N GLN C 17 -8.44 11.15 31.36
CA GLN C 17 -9.04 12.38 30.86
C GLN C 17 -9.28 12.37 29.37
N PRO C 18 -9.83 11.27 28.84
CA PRO C 18 -10.18 11.27 27.43
C PRO C 18 -11.09 12.47 27.13
N SER C 19 -10.97 13.03 25.93
CA SER C 19 -11.82 14.15 25.54
C SER C 19 -12.58 13.89 24.22
N HIS C 20 -12.10 12.98 23.39
CA HIS C 20 -12.81 12.68 22.12
C HIS C 20 -13.58 11.37 22.15
N PRO C 21 -14.91 11.46 22.15
CA PRO C 21 -15.72 10.24 22.32
C PRO C 21 -15.41 9.28 21.21
N GLY C 22 -14.97 9.82 20.07
CA GLY C 22 -14.54 9.00 18.96
C GLY C 22 -13.36 8.14 19.31
N ASN C 23 -12.33 8.71 19.94
CA ASN C 23 -11.20 7.90 20.43
C ASN C 23 -11.61 6.77 21.40
N VAL C 24 -12.67 6.98 22.17
CA VAL C 24 -13.11 5.98 23.14
C VAL C 24 -13.68 4.77 22.42
N GLY C 25 -14.58 5.02 21.48
CA GLY C 25 -15.09 3.98 20.61
C GLY C 25 -13.99 3.27 19.84
N SER C 26 -13.12 4.03 19.18
CA SER C 26 -11.97 3.42 18.50
C SER C 26 -11.19 2.53 19.46
N ALA C 27 -10.92 3.09 20.65
CA ALA C 27 -10.17 2.36 21.66
C ALA C 27 -10.84 1.02 21.95
N ALA C 28 -12.15 1.09 22.17
CA ALA C 28 -12.92 -0.10 22.45
C ALA C 28 -12.79 -1.15 21.34
N ARG C 29 -12.84 -0.75 20.06
CA ARG C 29 -12.73 -1.69 18.93
C ARG C 29 -11.32 -2.26 18.81
N ALA C 30 -10.33 -1.38 18.88
CA ALA C 30 -8.93 -1.80 18.95
C ALA C 30 -8.75 -2.98 19.87
N ILE C 31 -9.07 -2.80 21.15
CA ILE C 31 -8.65 -3.79 22.12
C ILE C 31 -9.43 -5.07 21.90
N LYS C 32 -10.63 -4.95 21.37
CA LYS C 32 -11.40 -6.14 21.06
C LYS C 32 -10.86 -6.92 19.83
N THR C 33 -10.36 -6.23 18.79
CA THR C 33 -9.68 -6.94 17.68
C THR C 33 -8.43 -7.70 18.16
N GLY C 35 -8.35 -9.01 21.30
CA GLY C 35 -8.77 -10.02 22.25
C GLY C 35 -8.95 -9.58 23.68
N PHE C 36 -8.99 -8.28 23.93
CA PHE C 36 -9.13 -7.82 25.29
C PHE C 36 -10.53 -7.26 25.47
N GLY C 37 -11.00 -7.14 26.71
CA GLY C 37 -12.34 -6.62 26.90
C GLY C 37 -12.52 -5.56 27.97
N GLU C 38 -11.44 -5.16 28.63
N GLU C 38 -11.43 -5.14 28.61
CA GLU C 38 -11.57 -4.16 29.68
CA GLU C 38 -11.52 -4.17 29.70
C GLU C 38 -10.97 -2.79 29.34
C GLU C 38 -10.97 -2.78 29.38
N LEU C 39 -11.85 -1.86 29.01
CA LEU C 39 -11.47 -0.48 28.83
C LEU C 39 -11.83 0.32 30.10
N VAL C 40 -10.94 1.19 30.58
CA VAL C 40 -11.23 2.03 31.75
C VAL C 40 -10.99 3.49 31.43
N LEU C 41 -11.96 4.35 31.70
CA LEU C 41 -11.73 5.78 31.64
C LEU C 41 -11.53 6.46 33.01
N VAL C 42 -10.57 7.36 33.07
CA VAL C 42 -10.32 8.12 34.24
C VAL C 42 -10.63 9.60 33.97
N ALA C 43 -11.54 10.15 34.76
CA ALA C 43 -11.83 11.59 34.73
C ALA C 43 -12.05 12.11 33.30
N PRO C 44 -12.95 11.47 32.57
CA PRO C 44 -13.25 11.92 31.21
C PRO C 44 -13.78 13.35 31.24
N ARG C 45 -13.67 14.07 30.13
CA ARG C 45 -14.05 15.49 30.06
C ARG C 45 -15.54 15.77 29.87
N PHE C 46 -16.30 14.75 29.49
CA PHE C 46 -17.76 14.86 29.46
C PHE C 46 -18.33 13.64 30.14
N PRO C 47 -19.49 13.78 30.78
CA PRO C 47 -19.94 12.59 31.52
C PRO C 47 -20.65 11.65 30.55
N ASP C 48 -20.78 10.38 30.95
N ASP C 48 -20.76 10.38 30.92
CA ASP C 48 -21.33 9.35 30.10
CA ASP C 48 -21.40 9.40 30.06
C ASP C 48 -20.77 9.42 28.68
C ASP C 48 -20.78 9.41 28.66
N THR C 50 -19.20 7.20 27.11
CA THR C 50 -19.40 5.95 26.40
C THR C 50 -20.73 5.88 25.62
N ALA C 51 -21.73 6.67 26.03
CA ALA C 51 -23.05 6.60 25.38
C ALA C 51 -23.20 7.57 24.20
N GLN C 52 -22.14 8.32 23.92
CA GLN C 52 -22.17 9.35 22.90
C GLN C 52 -22.17 8.73 21.52
N PRO C 53 -22.97 9.31 20.61
CA PRO C 53 -23.11 8.73 19.27
C PRO C 53 -21.74 8.44 18.65
N GLU C 54 -20.82 9.40 18.74
CA GLU C 54 -19.50 9.30 18.10
C GLU C 54 -18.73 8.06 18.56
N ALA C 55 -18.80 7.77 19.86
CA ALA C 55 -18.17 6.59 20.46
C ALA C 55 -18.82 5.26 20.03
N VAL C 56 -20.14 5.20 20.13
CA VAL C 56 -20.89 4.00 19.76
C VAL C 56 -20.66 3.64 18.29
N ALA C 57 -20.33 4.64 17.48
CA ALA C 57 -20.08 4.43 16.06
C ALA C 57 -18.72 3.79 15.82
N LEU C 58 -17.66 4.51 16.16
CA LEU C 58 -16.30 4.00 15.99
C LEU C 58 -16.09 2.72 16.78
N ALA C 59 -17.16 2.20 17.37
CA ALA C 59 -17.07 0.99 18.16
C ALA C 59 -17.87 -0.15 17.51
N SER C 60 -18.32 0.08 16.29
CA SER C 60 -19.10 -0.91 15.55
C SER C 60 -18.58 -2.32 15.82
N GLY C 61 -19.41 -3.13 16.47
CA GLY C 61 -19.04 -4.50 16.79
C GLY C 61 -18.35 -4.62 18.13
N ALA C 62 -18.07 -3.48 18.75
CA ALA C 62 -17.40 -3.45 20.04
C ALA C 62 -18.27 -2.78 21.10
N LEU C 63 -19.57 -2.74 20.84
CA LEU C 63 -20.52 -2.12 21.77
C LEU C 63 -20.39 -2.71 23.17
N ASP C 64 -20.29 -4.04 23.23
CA ASP C 64 -20.16 -4.74 24.50
C ASP C 64 -18.99 -4.22 25.36
N VAL C 65 -17.82 -4.01 24.74
CA VAL C 65 -16.67 -3.49 25.47
C VAL C 65 -16.92 -2.06 25.95
N LEU C 66 -17.46 -1.26 25.05
CA LEU C 66 -17.86 0.09 25.35
C LEU C 66 -18.85 0.15 26.53
N GLU C 67 -19.86 -0.71 26.50
CA GLU C 67 -20.85 -0.70 27.56
C GLU C 67 -20.26 -1.07 28.91
N ARG C 68 -19.35 -2.04 28.92
CA ARG C 68 -18.84 -2.58 30.18
C ARG C 68 -17.66 -1.79 30.76
N ALA C 69 -17.24 -0.75 30.04
CA ALA C 69 -16.16 0.12 30.49
C ALA C 69 -16.43 0.78 31.84
N ALA C 70 -15.48 0.67 32.77
CA ALA C 70 -15.54 1.38 34.05
C ALA C 70 -15.09 2.84 33.91
N VAL C 71 -15.84 3.76 34.46
CA VAL C 71 -15.39 5.15 34.52
C VAL C 71 -15.11 5.54 35.97
N HIS C 72 -13.97 6.18 36.23
CA HIS C 72 -13.56 6.53 37.58
C HIS C 72 -13.12 7.95 37.51
N ASP C 73 -13.16 8.64 38.65
CA ASP C 73 -12.69 10.01 38.74
C ASP C 73 -11.15 10.12 38.87
N THR C 74 -10.48 9.04 39.24
CA THR C 74 -9.10 9.20 39.64
C THR C 74 -8.29 8.04 39.10
N LEU C 75 -7.03 8.32 38.81
CA LEU C 75 -6.13 7.29 38.36
C LEU C 75 -5.92 6.26 39.49
N GLU C 76 -5.85 6.75 40.73
CA GLU C 76 -5.70 5.86 41.89
C GLU C 76 -6.74 4.74 41.93
N GLU C 77 -8.02 5.09 41.72
CA GLU C 77 -9.09 4.10 41.76
C GLU C 77 -8.91 3.03 40.66
N ALA C 78 -8.52 3.49 39.48
CA ALA C 78 -8.28 2.59 38.35
C ALA C 78 -7.10 1.67 38.62
N LEU C 79 -6.07 2.15 39.31
CA LEU C 79 -4.88 1.30 39.56
C LEU C 79 -5.00 0.37 40.76
N ALA C 80 -6.02 0.57 41.59
CA ALA C 80 -6.10 -0.17 42.84
C ALA C 80 -5.99 -1.68 42.64
N PRO C 81 -6.77 -2.26 41.70
CA PRO C 81 -6.71 -3.70 41.51
C PRO C 81 -5.43 -4.12 40.76
N VAL C 82 -4.65 -3.15 40.28
CA VAL C 82 -3.55 -3.46 39.38
C VAL C 82 -2.23 -3.84 40.09
N THR C 83 -1.69 -5.00 39.77
CA THR C 83 -0.42 -5.44 40.33
C THR C 83 0.82 -5.04 39.50
N LEU C 84 0.64 -4.83 38.18
CA LEU C 84 1.71 -4.29 37.32
C LEU C 84 1.22 -3.26 36.28
N ALA C 85 1.60 -1.99 36.47
CA ALA C 85 1.14 -0.92 35.57
C ALA C 85 2.27 -0.28 34.81
N PHE C 86 2.05 -0.09 33.50
CA PHE C 86 2.96 0.62 32.63
C PHE C 86 2.38 1.96 32.28
N ALA C 87 3.08 3.03 32.60
CA ALA C 87 2.74 4.32 32.06
C ALA C 87 3.26 4.31 30.61
N LEU C 88 2.34 4.37 29.67
CA LEU C 88 2.69 4.38 28.26
C LEU C 88 2.87 5.81 27.68
N THR C 89 4.10 6.19 27.46
CA THR C 89 4.32 7.57 27.05
C THR C 89 4.30 7.79 25.56
N THR C 90 3.58 8.85 25.18
CA THR C 90 3.28 9.19 23.79
C THR C 90 4.20 10.34 23.24
N ARG C 91 4.61 11.25 24.12
CA ARG C 91 5.49 12.35 23.72
C ARG C 91 6.96 11.99 23.92
N VAL C 92 7.83 12.56 23.09
CA VAL C 92 9.28 12.47 23.24
C VAL C 92 9.69 13.56 24.22
N ARG C 93 10.49 13.21 25.21
CA ARG C 93 10.87 14.21 26.19
C ARG C 93 12.37 14.40 26.25
N ASP C 94 12.79 15.52 26.82
CA ASP C 94 14.20 15.83 26.97
C ASP C 94 14.85 14.82 27.89
N LEU C 95 16.05 14.40 27.54
CA LEU C 95 16.77 13.45 28.36
C LEU C 95 16.02 12.14 28.39
N GLY C 96 15.53 11.72 27.24
CA GLY C 96 14.79 10.48 27.13
C GLY C 96 15.49 9.55 26.17
N PRO C 97 14.80 8.49 25.76
CA PRO C 97 13.46 8.22 26.24
C PRO C 97 13.48 7.08 27.21
N PRO C 98 12.38 6.87 27.92
CA PRO C 98 12.27 5.75 28.87
C PRO C 98 13.04 4.59 28.32
N PRO C 99 13.85 3.93 29.14
CA PRO C 99 14.67 2.82 28.64
C PRO C 99 13.82 1.62 28.23
N CYS C 100 12.55 1.60 28.62
CA CYS C 100 11.73 0.43 28.37
C CYS C 100 10.76 0.66 27.21
N ASP C 101 10.91 -0.10 26.14
CA ASP C 101 10.00 0.01 25.03
C ASP C 101 8.81 -0.96 25.14
N ILE C 102 7.80 -0.71 24.32
CA ILE C 102 6.58 -1.47 24.35
C ILE C 102 6.74 -2.99 24.10
N ARG C 103 7.79 -3.41 23.42
CA ARG C 103 7.96 -4.85 23.18
C ARG C 103 8.49 -5.54 24.46
N GLU C 104 9.39 -4.84 25.15
CA GLU C 104 9.90 -5.30 26.43
C GLU C 104 8.74 -5.36 27.44
N ALA C 105 8.09 -4.24 27.66
CA ALA C 105 6.87 -4.17 28.45
C ALA C 105 5.98 -5.40 28.31
N ALA C 106 5.69 -5.81 27.07
CA ALA C 106 4.79 -6.96 26.81
C ALA C 106 5.36 -8.29 27.27
N GLY C 107 6.69 -8.44 27.14
CA GLY C 107 7.43 -9.57 27.68
C GLY C 107 7.26 -9.69 29.19
N LEU C 108 7.50 -8.60 29.92
CA LEU C 108 7.30 -8.53 31.37
C LEU C 108 5.87 -8.86 31.69
N ALA C 109 4.95 -8.17 31.02
CA ALA C 109 3.54 -8.38 31.30
C ALA C 109 3.22 -9.88 31.27
N ARG C 110 3.80 -10.56 30.29
CA ARG C 110 3.61 -11.99 30.16
C ARG C 110 4.18 -12.79 31.37
N ARG C 111 5.40 -12.46 31.78
CA ARG C 111 6.02 -13.20 32.88
C ARG C 111 5.23 -12.87 34.12
N HIS C 112 4.80 -11.62 34.20
CA HIS C 112 4.01 -11.23 35.36
C HIS C 112 2.74 -12.07 35.46
N LEU C 113 2.02 -12.24 34.35
CA LEU C 113 0.75 -12.96 34.40
C LEU C 113 0.96 -14.45 34.49
N ASP C 114 2.18 -14.90 34.25
CA ASP C 114 2.48 -16.32 34.37
C ASP C 114 2.85 -16.67 35.81
N ASP C 115 3.50 -15.74 36.49
CA ASP C 115 4.06 -16.02 37.79
C ASP C 115 3.09 -15.62 38.89
N THR C 116 2.15 -14.76 38.54
CA THR C 116 1.26 -14.20 39.52
C THR C 116 -0.15 -14.72 39.26
N GLU C 117 -0.55 -15.72 40.03
CA GLU C 117 -1.85 -16.37 39.86
C GLU C 117 -3.02 -15.39 39.77
N ALA C 118 -2.92 -14.25 40.46
CA ALA C 118 -4.01 -13.27 40.48
C ALA C 118 -3.62 -11.87 39.97
N GLY C 119 -2.54 -11.81 39.20
CA GLY C 119 -2.00 -10.55 38.73
C GLY C 119 -2.88 -9.83 37.72
N VAL C 120 -2.80 -8.51 37.77
CA VAL C 120 -3.54 -7.67 36.85
C VAL C 120 -2.60 -6.66 36.22
N VAL C 121 -2.51 -6.68 34.90
CA VAL C 121 -1.65 -5.76 34.18
C VAL C 121 -2.48 -4.64 33.60
N ALA C 122 -1.98 -3.42 33.78
CA ALA C 122 -2.59 -2.28 33.15
C ALA C 122 -1.61 -1.52 32.22
N ILE C 123 -2.17 -0.97 31.16
CA ILE C 123 -1.47 -0.04 30.31
C ILE C 123 -2.21 1.24 30.49
N VAL C 124 -1.48 2.31 30.78
CA VAL C 124 -2.04 3.59 31.08
C VAL C 124 -1.64 4.65 30.07
N LEU C 125 -2.61 5.28 29.44
CA LEU C 125 -2.34 6.28 28.43
C LEU C 125 -2.83 7.61 28.88
N GLY C 126 -2.07 8.67 28.55
CA GLY C 126 -2.49 10.05 28.74
C GLY C 126 -3.33 10.71 27.64
N THR C 127 -3.48 12.02 27.69
CA THR C 127 -4.20 12.76 26.64
C THR C 127 -3.29 13.15 25.48
N GLU C 128 -3.83 13.18 24.26
CA GLU C 128 -3.03 13.56 23.11
C GLU C 128 -2.46 14.96 23.40
N ARG C 129 -3.15 15.72 24.25
CA ARG C 129 -2.74 17.07 24.60
C ARG C 129 -1.42 17.16 25.37
N ALA C 130 -1.30 16.43 26.47
CA ALA C 130 -0.11 16.60 27.30
C ALA C 130 0.59 15.30 27.69
N GLY C 131 0.09 14.17 27.23
CA GLY C 131 0.59 12.90 27.71
C GLY C 131 0.34 12.82 29.22
N LEU C 132 1.02 11.93 29.91
CA LEU C 132 0.77 11.75 31.33
C LEU C 132 1.60 12.72 32.18
N THR C 133 0.96 13.40 33.15
CA THR C 133 1.68 14.28 34.08
C THR C 133 2.62 13.45 34.96
N ASN C 134 3.70 14.06 35.42
CA ASN C 134 4.62 13.33 36.31
C ASN C 134 3.93 12.68 37.50
N ALA C 135 2.91 13.34 38.03
CA ALA C 135 2.08 12.76 39.09
C ALA C 135 1.53 11.38 38.73
N GLN C 136 0.89 11.31 37.57
CA GLN C 136 0.34 10.05 37.07
C GLN C 136 1.43 8.96 36.88
N ILE C 137 2.50 9.32 36.19
CA ILE C 137 3.59 8.37 35.93
C ILE C 137 4.11 7.72 37.21
N GLU C 138 4.21 8.49 38.28
CA GLU C 138 4.75 7.99 39.53
C GLU C 138 3.85 6.93 40.15
N LEU C 139 2.57 6.94 39.79
CA LEU C 139 1.64 5.91 40.26
C LEU C 139 1.87 4.55 39.57
N CYS C 140 2.50 4.55 38.39
CA CYS C 140 2.80 3.27 37.73
C CYS C 140 4.11 2.62 38.15
N HIS C 141 4.18 1.31 37.98
CA HIS C 141 5.37 0.55 38.37
C HIS C 141 6.50 0.82 37.41
N ARG C 142 6.17 0.78 36.11
N ARG C 142 6.18 0.76 36.12
CA ARG C 142 7.13 0.94 35.05
CA ARG C 142 7.17 0.93 35.06
C ARG C 142 6.68 2.03 34.09
C ARG C 142 6.69 1.99 34.06
N ILE C 143 7.62 2.64 33.39
CA ILE C 143 7.25 3.59 32.37
C ILE C 143 7.83 3.12 31.05
N CYS C 144 7.00 3.00 30.02
CA CYS C 144 7.51 2.56 28.71
C CYS C 144 7.08 3.45 27.55
N HIS C 145 7.56 3.15 26.34
CA HIS C 145 7.25 4.01 25.20
C HIS C 145 7.22 3.29 23.89
N ILE C 146 6.57 3.94 22.93
CA ILE C 146 6.65 3.49 21.54
C ILE C 146 7.60 4.38 20.73
N PRO C 147 8.69 3.78 20.22
CA PRO C 147 9.75 4.35 19.39
C PRO C 147 9.22 4.66 17.99
N ALA C 148 8.44 5.71 17.88
CA ALA C 148 7.85 6.13 16.63
C ALA C 148 8.63 7.27 15.98
N ASN C 149 8.09 7.81 14.91
CA ASN C 149 8.74 8.86 14.11
C ASN C 149 8.87 10.21 14.81
N PRO C 150 10.05 10.49 15.32
CA PRO C 150 10.32 11.75 16.02
C PRO C 150 9.63 12.93 15.33
N GLN C 151 9.43 12.82 14.02
CA GLN C 151 8.78 13.88 13.25
C GLN C 151 7.52 14.36 13.95
N TYR C 152 6.78 13.43 14.53
CA TYR C 152 5.55 13.76 15.24
C TYR C 152 5.79 14.01 16.72
N SER C 153 5.29 15.13 17.22
CA SER C 153 5.46 15.49 18.63
C SER C 153 4.83 14.45 19.54
N SER C 154 3.81 13.76 19.04
CA SER C 154 3.12 12.75 19.81
C SER C 154 2.35 11.81 18.91
N LEU C 155 1.99 10.66 19.45
CA LEU C 155 1.22 9.68 18.73
C LEU C 155 -0.21 9.82 19.17
N ASN C 156 -1.14 9.71 18.25
CA ASN C 156 -2.53 9.71 18.63
C ASN C 156 -2.69 8.59 19.64
N VAL C 157 -3.61 8.73 20.59
CA VAL C 157 -3.68 7.77 21.68
C VAL C 157 -4.40 6.48 21.33
N ALA C 158 -5.28 6.52 20.35
CA ALA C 158 -5.96 5.32 19.90
C ALA C 158 -5.02 4.49 19.05
N GLN C 159 -4.01 5.14 18.48
CA GLN C 159 -3.01 4.47 17.67
C GLN C 159 -2.09 3.77 18.61
N ALA C 160 -1.66 4.50 19.61
CA ALA C 160 -0.76 3.92 20.60
C ALA C 160 -1.41 2.72 21.31
N LEU C 161 -2.70 2.85 21.60
CA LEU C 161 -3.47 1.77 22.21
C LEU C 161 -3.52 0.50 21.35
N GLN C 162 -3.82 0.69 20.07
N GLN C 162 -3.80 0.64 20.07
CA GLN C 162 -3.76 -0.37 19.07
CA GLN C 162 -3.80 -0.55 19.18
C GLN C 162 -2.46 -1.16 19.13
C GLN C 162 -2.42 -1.22 19.17
N LEU C 163 -1.36 -0.42 19.03
CA LEU C 163 -0.03 -1.01 19.03
C LEU C 163 0.27 -1.73 20.32
N ALA C 164 -0.02 -1.09 21.45
CA ALA C 164 0.17 -1.72 22.77
C ALA C 164 -0.62 -3.02 22.90
N ALA C 165 -1.88 -2.93 22.52
CA ALA C 165 -2.75 -4.09 22.60
C ALA C 165 -2.17 -5.18 21.71
N TRP C 166 -1.74 -4.79 20.49
CA TRP C 166 -1.14 -5.78 19.61
C TRP C 166 0.13 -6.45 20.19
N GLU C 167 1.03 -5.65 20.72
CA GLU C 167 2.22 -6.21 21.41
C GLU C 167 1.83 -7.14 22.59
N LEU C 168 0.93 -6.67 23.44
CA LEU C 168 0.42 -7.55 24.50
C LEU C 168 -0.22 -8.79 23.91
N ARG C 169 -1.14 -8.62 22.96
CA ARG C 169 -1.70 -9.81 22.37
C ARG C 169 -0.58 -10.77 21.94
N TYR C 170 0.42 -10.28 21.19
CA TYR C 170 1.34 -11.25 20.61
C TYR C 170 2.05 -12.00 21.71
N ALA C 171 2.30 -11.31 22.81
CA ALA C 171 3.10 -11.96 23.81
C ALA C 171 2.24 -12.94 24.64
N LEU C 172 0.93 -12.82 24.56
CA LEU C 172 0.07 -13.74 25.33
C LEU C 172 -0.38 -14.96 24.57
N LEU C 173 -0.19 -14.95 23.25
CA LEU C 173 -0.54 -16.11 22.43
C LEU C 173 0.40 -17.30 22.70
#